data_5I8Z
#
_entry.id   5I8Z
#
_cell.length_a   74.550
_cell.length_b   75.910
_cell.length_c   89.670
_cell.angle_alpha   90.00
_cell.angle_beta   90.00
_cell.angle_gamma   90.00
#
_symmetry.space_group_name_H-M   'I 2 2 2'
#
loop_
_entity.id
_entity.type
_entity.pdbx_description
1 polymer 'Enoyl-[acyl-carrier-protein] reductase [NADH]'
2 non-polymer NICOTINAMIDE-ADENINE-DINUCLEOTIDE
3 non-polymer 5-HEXYL-2-(4-NITROPHENOXY)PHENOL
4 water water
#
_entity_poly.entity_id   1
_entity_poly.type   'polypeptide(L)'
_entity_poly.pdbx_seq_one_letter_code
;MGFLDGKRILLTGLLSNRSIAYGIAKACKREGAELAFTYVGDRFKDRITEFAAEFGSELVFPCDVADDAQIDALFASLKT
HWDSLDGLVHSIGFAPREAIAGDFLDGLTRENFRIAHDISAYSFPALAKAALPMLSDDASLLTLSYLGAERAIPNYNTMG
LAKAALEASVRYLAVSLGAKGVRVNAISAGPIKTLAASGIKSFGKILDFVESNSPLKRNVTIEQVGNAGAFLLSDLASGV
TAEVMHVDSGFNAVVGGMAGLEEKLAAALEHHHHHH
;
_entity_poly.pdbx_strand_id   A
#
# COMPACT_ATOMS: atom_id res chain seq x y z
N GLY A 2 9.06 -1.98 21.56
CA GLY A 2 9.37 -2.35 20.17
C GLY A 2 9.89 -1.15 19.42
N PHE A 3 10.28 -1.32 18.13
CA PHE A 3 10.94 -0.21 17.45
C PHE A 3 9.98 0.81 16.84
N LEU A 4 8.69 0.70 17.14
CA LEU A 4 7.72 1.75 16.77
C LEU A 4 7.02 2.31 18.00
N ASP A 5 7.64 2.18 19.19
CA ASP A 5 6.97 2.63 20.39
C ASP A 5 6.58 4.09 20.24
N GLY A 6 5.34 4.42 20.56
CA GLY A 6 4.92 5.81 20.53
C GLY A 6 4.35 6.28 19.21
N LYS A 7 4.62 5.51 18.18
CA LYS A 7 4.26 5.96 16.85
C LYS A 7 2.78 5.73 16.56
N ARG A 8 2.15 6.73 15.97
CA ARG A 8 0.76 6.69 15.63
C ARG A 8 0.62 6.55 14.10
N ILE A 9 -0.01 5.46 13.69
CA ILE A 9 0.03 5.06 12.25
C ILE A 9 -1.37 4.79 11.74
N LEU A 10 -1.71 5.44 10.64
CA LEU A 10 -2.99 5.24 9.98
C LEU A 10 -2.83 4.27 8.83
N LEU A 11 -3.64 3.23 8.79
CA LEU A 11 -3.54 2.20 7.73
C LEU A 11 -4.81 2.14 6.91
N THR A 12 -4.59 2.29 5.60
CA THR A 12 -5.67 2.06 4.64
C THR A 12 -5.59 0.62 4.12
N GLY A 13 -6.65 0.17 3.46
CA GLY A 13 -6.60 -1.08 2.73
C GLY A 13 -6.71 -2.39 3.47
N LEU A 14 -7.07 -2.37 4.76
CA LEU A 14 -7.17 -3.63 5.51
C LEU A 14 -8.58 -4.15 5.26
N LEU A 15 -8.71 -5.09 4.31
CA LEU A 15 -10.01 -5.60 3.86
C LEU A 15 -10.29 -6.94 4.49
N SER A 16 -9.32 -7.84 4.52
CA SER A 16 -9.49 -9.12 5.22
C SER A 16 -8.21 -9.49 5.92
N ASN A 17 -8.20 -10.64 6.60
CA ASN A 17 -7.00 -11.02 7.27
C ASN A 17 -5.92 -11.59 6.36
N ARG A 18 -6.15 -11.59 5.06
CA ARG A 18 -5.09 -11.88 4.13
C ARG A 18 -4.54 -10.62 3.51
N SER A 19 -5.19 -9.48 3.76
CA SER A 19 -4.66 -8.22 3.16
C SER A 19 -3.21 -7.90 3.51
N ILE A 20 -2.47 -7.33 2.56
CA ILE A 20 -1.12 -6.86 2.91
C ILE A 20 -1.18 -5.91 4.13
N ALA A 21 -2.22 -5.04 4.18
CA ALA A 21 -2.35 -4.10 5.30
C ALA A 21 -2.56 -4.82 6.62
N TYR A 22 -3.17 -6.02 6.61
CA TYR A 22 -3.26 -6.77 7.86
C TYR A 22 -1.88 -7.17 8.42
N GLY A 23 -1.02 -7.65 7.52
CA GLY A 23 0.33 -8.02 7.91
C GLY A 23 1.11 -6.82 8.42
N ILE A 24 0.95 -5.69 7.73
CA ILE A 24 1.64 -4.49 8.20
C ILE A 24 1.06 -4.07 9.58
N ALA A 25 -0.26 -4.11 9.73
CA ALA A 25 -0.88 -3.77 11.03
C ALA A 25 -0.33 -4.63 12.17
N LYS A 26 -0.28 -5.93 11.92
CA LYS A 26 0.15 -6.88 12.96
C LYS A 26 1.60 -6.60 13.37
N ALA A 27 2.46 -6.26 12.39
CA ALA A 27 3.87 -6.04 12.73
C ALA A 27 4.03 -4.69 13.45
N CYS A 28 3.28 -3.68 13.03
CA CYS A 28 3.38 -2.35 13.65
C CYS A 28 2.88 -2.42 15.10
N LYS A 29 1.77 -3.14 15.34
CA LYS A 29 1.28 -3.30 16.71
C LYS A 29 2.27 -4.03 17.59
N ARG A 30 2.84 -5.09 17.06
CA ARG A 30 3.85 -5.83 17.80
C ARG A 30 5.01 -4.92 18.24
N GLU A 31 5.41 -4.02 17.35
CA GLU A 31 6.54 -3.12 17.64
C GLU A 31 6.13 -1.88 18.39
N GLY A 32 4.87 -1.81 18.81
CA GLY A 32 4.51 -0.76 19.74
C GLY A 32 3.74 0.42 19.26
N ALA A 33 3.36 0.39 17.96
CA ALA A 33 2.62 1.51 17.47
C ALA A 33 1.17 1.53 17.91
N GLU A 34 0.57 2.73 17.86
CA GLU A 34 -0.87 2.91 18.06
C GLU A 34 -1.50 3.00 16.66
N LEU A 35 -2.59 2.29 16.40
CA LEU A 35 -3.13 2.23 15.03
C LEU A 35 -4.49 2.85 14.87
N ALA A 36 -4.79 3.26 13.63
CA ALA A 36 -6.10 3.73 13.20
C ALA A 36 -6.28 3.19 11.81
N PHE A 37 -7.53 3.08 11.35
CA PHE A 37 -7.83 2.36 10.11
C PHE A 37 -8.88 3.07 9.30
N THR A 38 -8.80 2.93 7.98
CA THR A 38 -9.88 3.35 7.11
C THR A 38 -10.62 2.18 6.46
N TYR A 39 -11.82 2.44 5.95
CA TYR A 39 -12.58 1.42 5.23
C TYR A 39 -13.37 2.12 4.13
N VAL A 40 -13.95 1.35 3.22
CA VAL A 40 -14.76 1.91 2.13
C VAL A 40 -16.13 1.25 2.11
N GLY A 41 -17.16 1.99 2.38
CA GLY A 41 -18.47 1.36 2.20
C GLY A 41 -19.03 0.87 3.51
N ASP A 42 -20.28 1.27 3.77
CA ASP A 42 -20.92 1.02 5.05
C ASP A 42 -20.92 -0.42 5.47
N ARG A 43 -20.98 -1.35 4.53
CA ARG A 43 -21.17 -2.72 4.90
C ARG A 43 -19.91 -3.30 5.51
N PHE A 44 -18.78 -2.57 5.40
CA PHE A 44 -17.53 -3.09 5.97
C PHE A 44 -17.21 -2.46 7.33
N LYS A 45 -18.07 -1.57 7.83
CA LYS A 45 -17.79 -0.89 9.09
C LYS A 45 -17.63 -1.89 10.23
N ASP A 46 -18.51 -2.89 10.28
CA ASP A 46 -18.43 -3.85 11.41
C ASP A 46 -17.14 -4.64 11.33
N ARG A 47 -16.77 -5.07 10.14
CA ARG A 47 -15.55 -5.86 9.96
C ARG A 47 -14.29 -5.11 10.29
N ILE A 48 -14.18 -3.88 9.79
CA ILE A 48 -12.95 -3.17 10.11
C ILE A 48 -12.90 -2.78 11.59
N THR A 49 -14.07 -2.58 12.21
CA THR A 49 -14.11 -2.27 13.64
C THR A 49 -13.57 -3.44 14.45
N GLU A 50 -13.92 -4.64 14.01
CA GLU A 50 -13.37 -5.86 14.68
C GLU A 50 -11.83 -5.94 14.52
N PHE A 51 -11.30 -5.65 13.32
CA PHE A 51 -9.86 -5.66 13.12
C PHE A 51 -9.19 -4.59 13.96
N ALA A 52 -9.80 -3.42 14.02
CA ALA A 52 -9.17 -2.37 14.82
C ALA A 52 -9.05 -2.82 16.27
N ALA A 53 -10.13 -3.40 16.78
CA ALA A 53 -10.18 -3.87 18.16
C ALA A 53 -9.12 -4.95 18.43
N GLU A 54 -8.87 -5.81 17.45
CA GLU A 54 -7.80 -6.79 17.57
C GLU A 54 -6.45 -6.14 17.79
N PHE A 55 -6.29 -4.95 17.19
CA PHE A 55 -5.08 -4.17 17.33
C PHE A 55 -5.20 -3.08 18.38
N GLY A 56 -6.12 -3.28 19.35
CA GLY A 56 -6.27 -2.38 20.46
C GLY A 56 -6.75 -0.99 20.16
N SER A 57 -7.53 -0.83 19.09
CA SER A 57 -7.92 0.49 18.62
C SER A 57 -9.44 0.55 18.29
N GLU A 58 -10.05 1.68 18.56
CA GLU A 58 -11.40 1.93 18.09
C GLU A 58 -11.45 3.03 17.05
N LEU A 59 -10.29 3.37 16.50
CA LEU A 59 -10.18 4.46 15.54
C LEU A 59 -10.40 3.94 14.11
N VAL A 60 -11.63 4.05 13.62
CA VAL A 60 -11.96 3.62 12.22
C VAL A 60 -12.73 4.73 11.52
N PHE A 61 -12.40 4.95 10.27
CA PHE A 61 -12.94 6.07 9.49
C PHE A 61 -13.21 5.66 8.05
N PRO A 62 -14.33 6.09 7.49
CA PRO A 62 -14.56 5.83 6.06
C PRO A 62 -13.71 6.69 5.18
N CYS A 63 -13.22 6.10 4.10
CA CYS A 63 -12.53 6.92 3.14
C CYS A 63 -12.47 6.21 1.79
N ASP A 64 -13.33 6.64 0.87
CA ASP A 64 -13.22 6.26 -0.52
C ASP A 64 -12.31 7.28 -1.17
N VAL A 65 -11.16 6.87 -1.65
CA VAL A 65 -10.19 7.86 -2.16
C VAL A 65 -10.53 8.45 -3.53
N ALA A 66 -11.64 8.04 -4.12
CA ALA A 66 -12.18 8.74 -5.27
C ALA A 66 -12.75 10.09 -4.92
N ASP A 67 -13.03 10.32 -3.64
CA ASP A 67 -13.84 11.47 -3.20
C ASP A 67 -13.03 12.44 -2.35
N ASP A 68 -12.77 13.63 -2.89
CA ASP A 68 -12.03 14.66 -2.19
C ASP A 68 -12.59 14.95 -0.77
N ALA A 69 -13.93 15.03 -0.67
CA ALA A 69 -14.56 15.37 0.62
C ALA A 69 -14.26 14.29 1.65
N GLN A 70 -14.24 13.01 1.24
CA GLN A 70 -13.98 11.96 2.23
C GLN A 70 -12.51 11.98 2.67
N ILE A 71 -11.59 12.33 1.75
CA ILE A 71 -10.16 12.48 2.12
C ILE A 71 -10.01 13.61 3.11
N ASP A 72 -10.65 14.75 2.86
CA ASP A 72 -10.57 15.83 3.86
C ASP A 72 -11.23 15.44 5.18
N ALA A 73 -12.40 14.80 5.12
CA ALA A 73 -13.12 14.44 6.35
C ALA A 73 -12.31 13.42 7.17
N LEU A 74 -11.56 12.56 6.47
CA LEU A 74 -10.75 11.55 7.19
C LEU A 74 -9.79 12.21 8.17
N PHE A 75 -9.07 13.22 7.69
CA PHE A 75 -8.05 13.83 8.56
C PHE A 75 -8.66 14.77 9.53
N ALA A 76 -9.77 15.40 9.17
CA ALA A 76 -10.49 16.23 10.16
C ALA A 76 -10.94 15.33 11.30
N SER A 77 -11.46 14.15 10.96
CA SER A 77 -11.87 13.22 12.07
C SER A 77 -10.69 12.75 12.90
N LEU A 78 -9.65 12.30 12.22
CA LEU A 78 -8.53 11.74 12.90
C LEU A 78 -7.90 12.71 13.88
N LYS A 79 -7.85 13.98 13.49
CA LYS A 79 -7.20 15.01 14.31
C LYS A 79 -8.01 15.28 15.59
N THR A 80 -9.28 14.85 15.67
CA THR A 80 -9.99 15.04 16.95
C THR A 80 -9.48 14.03 17.99
N HIS A 81 -8.73 13.04 17.53
CA HIS A 81 -8.13 12.00 18.41
C HIS A 81 -6.63 12.18 18.56
N TRP A 82 -5.95 12.42 17.44
CA TRP A 82 -4.51 12.50 17.41
C TRP A 82 -4.03 13.90 17.03
N ASP A 83 -3.19 14.48 17.89
CA ASP A 83 -2.55 15.75 17.67
C ASP A 83 -1.68 15.72 16.39
N SER A 84 -1.11 14.57 16.14
CA SER A 84 -0.09 14.38 15.12
C SER A 84 -0.20 12.96 14.61
N LEU A 85 0.30 12.76 13.40
CA LEU A 85 0.34 11.47 12.71
C LEU A 85 1.77 11.10 12.37
N ASP A 86 2.21 9.89 12.71
CA ASP A 86 3.60 9.49 12.45
C ASP A 86 3.75 8.58 11.27
N GLY A 87 2.70 7.87 10.89
CA GLY A 87 2.81 6.91 9.80
C GLY A 87 1.53 6.86 8.99
N LEU A 88 1.70 6.63 7.69
CA LEU A 88 0.54 6.43 6.82
C LEU A 88 0.88 5.27 5.90
N VAL A 89 0.00 4.25 5.89
CA VAL A 89 0.13 3.11 4.99
C VAL A 89 -0.96 3.18 3.92
N HIS A 90 -0.51 3.37 2.68
CA HIS A 90 -1.39 3.37 1.52
C HIS A 90 -1.33 2.01 0.88
N SER A 91 -2.42 1.23 1.03
CA SER A 91 -2.42 -0.13 0.56
C SER A 91 -3.74 -0.28 -0.23
N ILE A 92 -3.82 0.50 -1.29
CA ILE A 92 -5.03 0.70 -2.07
C ILE A 92 -4.69 0.54 -3.54
N GLY A 93 -5.43 -0.32 -4.23
CA GLY A 93 -5.23 -0.40 -5.69
C GLY A 93 -6.59 -0.77 -6.29
N PHE A 94 -6.85 -0.28 -7.51
CA PHE A 94 -8.06 -0.67 -8.23
C PHE A 94 -7.89 -0.31 -9.71
N ALA A 95 -8.33 -1.22 -10.58
CA ALA A 95 -8.61 -0.93 -11.99
C ALA A 95 -9.85 -1.68 -12.36
N PRO A 96 -10.63 -1.14 -13.29
CA PRO A 96 -11.73 -1.97 -13.80
C PRO A 96 -11.27 -3.32 -14.35
N ARG A 97 -12.06 -4.36 -14.09
CA ARG A 97 -11.64 -5.71 -14.46
C ARG A 97 -11.16 -5.86 -15.90
N GLU A 98 -11.86 -5.22 -16.84
CA GLU A 98 -11.51 -5.22 -18.26
C GLU A 98 -10.02 -4.83 -18.48
N ALA A 99 -9.54 -3.95 -17.63
CA ALA A 99 -8.23 -3.33 -17.88
C ALA A 99 -7.04 -4.14 -17.42
N ILE A 100 -7.32 -5.28 -16.80
CA ILE A 100 -6.25 -6.15 -16.26
C ILE A 100 -6.47 -7.58 -16.65
N ALA A 101 -7.21 -7.74 -17.70
CA ALA A 101 -7.45 -9.03 -18.28
C ALA A 101 -6.98 -8.97 -19.71
N GLY A 102 -6.34 -10.02 -20.18
CA GLY A 102 -6.21 -10.15 -21.61
C GLY A 102 -5.22 -9.16 -22.16
N ASP A 103 -5.48 -8.74 -23.40
CA ASP A 103 -4.58 -7.87 -24.08
C ASP A 103 -4.65 -6.45 -23.53
N PHE A 104 -3.48 -5.79 -23.41
CA PHE A 104 -3.45 -4.40 -22.94
C PHE A 104 -4.34 -3.43 -23.70
N LEU A 105 -4.25 -3.46 -25.03
CA LEU A 105 -5.10 -2.53 -25.78
C LEU A 105 -6.58 -2.87 -25.74
N ASP A 106 -6.94 -4.15 -25.71
CA ASP A 106 -8.36 -4.53 -25.64
C ASP A 106 -9.02 -3.95 -24.41
N GLY A 107 -8.25 -3.81 -23.33
CA GLY A 107 -8.82 -3.34 -22.08
C GLY A 107 -8.65 -1.85 -21.82
N LEU A 108 -8.01 -1.19 -22.78
CA LEU A 108 -7.70 0.22 -22.65
C LEU A 108 -8.85 1.12 -23.09
N THR A 109 -9.33 1.96 -22.20
CA THR A 109 -10.19 3.06 -22.59
C THR A 109 -9.80 4.24 -21.75
N ARG A 110 -10.20 5.44 -22.18
CA ARG A 110 -9.83 6.63 -21.44
C ARG A 110 -10.34 6.56 -19.99
N GLU A 111 -11.57 6.07 -19.82
CA GLU A 111 -12.10 5.96 -18.47
C GLU A 111 -11.42 4.88 -17.63
N ASN A 112 -11.08 3.73 -18.23
CA ASN A 112 -10.38 2.69 -17.46
C ASN A 112 -9.02 3.22 -17.02
N PHE A 113 -8.32 3.88 -17.93
CA PHE A 113 -7.06 4.50 -17.59
C PHE A 113 -7.23 5.51 -16.46
N ARG A 114 -8.23 6.38 -16.60
CA ARG A 114 -8.46 7.44 -15.61
C ARG A 114 -8.65 6.85 -14.23
N ILE A 115 -9.54 5.85 -14.15
CA ILE A 115 -9.92 5.27 -12.86
C ILE A 115 -8.71 4.57 -12.25
N ALA A 116 -8.01 3.77 -13.05
CA ALA A 116 -6.86 3.04 -12.50
C ALA A 116 -5.83 4.00 -11.95
N HIS A 117 -5.56 5.10 -12.64
CA HIS A 117 -4.52 6.05 -12.15
C HIS A 117 -5.02 6.90 -10.97
N ASP A 118 -6.31 7.23 -11.00
CA ASP A 118 -6.93 8.01 -9.91
C ASP A 118 -6.85 7.26 -8.60
N ILE A 119 -7.27 6.00 -8.63
CA ILE A 119 -7.35 5.24 -7.35
C ILE A 119 -5.98 4.68 -6.98
N SER A 120 -5.21 4.20 -7.97
CA SER A 120 -3.99 3.45 -7.61
C SER A 120 -2.78 4.32 -7.48
N ALA A 121 -2.78 5.50 -8.12
CA ALA A 121 -1.60 6.34 -8.04
C ALA A 121 -1.91 7.70 -7.38
N TYR A 122 -2.85 8.46 -7.95
CA TYR A 122 -3.13 9.81 -7.41
C TYR A 122 -3.45 9.75 -5.92
N SER A 123 -4.18 8.74 -5.50
CA SER A 123 -4.62 8.77 -4.09
C SER A 123 -3.48 8.78 -3.09
N PHE A 124 -2.30 8.27 -3.43
CA PHE A 124 -1.21 8.30 -2.45
C PHE A 124 -0.71 9.73 -2.15
N PRO A 125 -0.25 10.49 -3.14
CA PRO A 125 0.08 11.89 -2.79
C PRO A 125 -1.14 12.70 -2.36
N ALA A 126 -2.36 12.36 -2.78
CA ALA A 126 -3.54 13.08 -2.27
C ALA A 126 -3.71 12.89 -0.76
N LEU A 127 -3.55 11.65 -0.31
CA LEU A 127 -3.60 11.39 1.17
C LEU A 127 -2.43 12.12 1.85
N ALA A 128 -1.24 12.07 1.26
CA ALA A 128 -0.10 12.76 1.89
C ALA A 128 -0.35 14.24 2.06
N LYS A 129 -0.91 14.88 1.04
CA LYS A 129 -1.16 16.30 1.12
C LYS A 129 -2.19 16.61 2.21
N ALA A 130 -3.24 15.80 2.26
CA ALA A 130 -4.29 16.04 3.24
C ALA A 130 -3.79 15.76 4.65
N ALA A 131 -2.85 14.84 4.79
CA ALA A 131 -2.25 14.54 6.10
C ALA A 131 -1.23 15.59 6.54
N LEU A 132 -0.60 16.29 5.61
CA LEU A 132 0.59 17.07 5.96
C LEU A 132 0.43 18.02 7.18
N PRO A 133 -0.72 18.68 7.32
CA PRO A 133 -0.83 19.62 8.47
C PRO A 133 -0.65 18.95 9.80
N MET A 134 -0.92 17.66 9.88
CA MET A 134 -0.75 16.95 11.13
C MET A 134 0.43 15.97 11.13
N LEU A 135 1.22 15.91 10.06
CA LEU A 135 2.35 15.01 10.09
C LEU A 135 3.44 15.48 11.04
N SER A 136 3.97 14.53 11.79
CA SER A 136 5.15 14.79 12.62
C SER A 136 6.37 14.94 11.75
N ASP A 137 7.37 15.65 12.24
CA ASP A 137 8.55 15.92 11.44
C ASP A 137 9.28 14.62 11.02
N ASP A 138 9.20 13.56 11.81
CA ASP A 138 9.87 12.26 11.50
C ASP A 138 8.86 11.25 10.97
N ALA A 139 7.74 11.73 10.39
CA ALA A 139 6.73 10.81 9.91
C ALA A 139 7.27 9.99 8.70
N SER A 140 6.57 8.92 8.44
CA SER A 140 6.96 8.01 7.37
C SER A 140 5.73 7.53 6.61
N LEU A 141 5.72 7.73 5.28
CA LEU A 141 4.60 7.33 4.43
C LEU A 141 5.01 6.15 3.57
N LEU A 142 4.16 5.14 3.46
CA LEU A 142 4.51 3.89 2.76
C LEU A 142 3.40 3.52 1.82
N THR A 143 3.74 3.13 0.59
CA THR A 143 2.76 2.60 -0.37
C THR A 143 3.25 1.23 -0.86
N LEU A 144 2.36 0.51 -1.55
CA LEU A 144 2.63 -0.84 -2.05
C LEU A 144 2.61 -0.82 -3.56
N SER A 145 3.64 -1.35 -4.18
CA SER A 145 3.73 -1.38 -5.65
C SER A 145 4.00 -2.84 -6.08
N TYR A 146 4.21 -3.06 -7.35
CA TYR A 146 4.46 -4.39 -7.90
C TYR A 146 5.41 -4.24 -9.10
N LEU A 147 6.18 -5.30 -9.34
CA LEU A 147 7.17 -5.39 -10.42
C LEU A 147 6.59 -5.00 -11.78
N GLY A 148 5.30 -5.17 -11.99
CA GLY A 148 4.68 -4.71 -13.24
C GLY A 148 4.86 -3.23 -13.54
N ALA A 149 5.24 -2.43 -12.55
CA ALA A 149 5.64 -1.03 -12.81
C ALA A 149 6.91 -0.96 -13.63
N GLU A 150 7.82 -1.90 -13.39
CA GLU A 150 9.17 -1.85 -13.93
C GLU A 150 9.29 -2.56 -15.26
N ARG A 151 8.58 -3.70 -15.37
CA ARG A 151 8.66 -4.59 -16.55
C ARG A 151 7.27 -4.98 -16.89
N ALA A 152 7.03 -5.27 -18.17
CA ALA A 152 5.66 -5.69 -18.53
C ALA A 152 5.36 -7.12 -18.21
N ILE A 153 4.27 -7.30 -17.46
CA ILE A 153 3.82 -8.63 -16.98
C ILE A 153 2.47 -8.88 -17.58
N PRO A 154 2.24 -10.11 -18.11
CA PRO A 154 0.97 -10.26 -18.82
C PRO A 154 -0.22 -10.03 -17.91
N ASN A 155 -1.25 -9.40 -18.48
CA ASN A 155 -2.51 -9.03 -17.87
C ASN A 155 -2.45 -7.84 -16.92
N TYR A 156 -1.28 -7.54 -16.36
CA TYR A 156 -1.27 -6.42 -15.38
C TYR A 156 -1.63 -5.10 -16.07
N ASN A 157 -1.16 -4.94 -17.31
CA ASN A 157 -1.69 -3.95 -18.20
C ASN A 157 -1.79 -2.55 -17.59
N THR A 158 -2.99 -1.96 -17.58
CA THR A 158 -3.15 -0.62 -17.14
C THR A 158 -2.68 -0.38 -15.67
N MET A 159 -2.76 -1.40 -14.83
CA MET A 159 -2.22 -1.27 -13.48
CA MET A 159 -2.24 -1.27 -13.46
C MET A 159 -0.72 -1.06 -13.50
N GLY A 160 -0.03 -1.62 -14.51
CA GLY A 160 1.43 -1.41 -14.54
C GLY A 160 1.78 0.07 -14.79
N LEU A 161 1.03 0.72 -15.69
CA LEU A 161 1.19 2.18 -15.87
C LEU A 161 0.92 2.94 -14.59
N ALA A 162 -0.17 2.57 -13.89
CA ALA A 162 -0.52 3.28 -12.66
C ALA A 162 0.53 3.04 -11.56
N LYS A 163 1.09 1.81 -11.48
CA LYS A 163 2.12 1.60 -10.48
C LYS A 163 3.41 2.32 -10.86
N ALA A 164 3.70 2.52 -12.18
CA ALA A 164 4.88 3.30 -12.48
C ALA A 164 4.70 4.75 -12.05
N ALA A 165 3.51 5.29 -12.23
CA ALA A 165 3.21 6.68 -11.76
C ALA A 165 3.30 6.71 -10.22
N LEU A 166 2.79 5.65 -9.58
CA LEU A 166 2.90 5.57 -8.11
C LEU A 166 4.33 5.57 -7.61
N GLU A 167 5.19 4.81 -8.25
CA GLU A 167 6.59 4.81 -7.81
C GLU A 167 7.24 6.18 -8.08
N ALA A 168 6.90 6.82 -9.21
CA ALA A 168 7.40 8.18 -9.36
C ALA A 168 6.88 9.11 -8.28
N SER A 169 5.62 8.96 -7.87
CA SER A 169 5.10 9.84 -6.79
C SER A 169 5.88 9.63 -5.53
N VAL A 170 6.42 8.43 -5.29
CA VAL A 170 7.24 8.24 -4.08
C VAL A 170 8.45 9.19 -4.12
N ARG A 171 9.08 9.30 -5.29
CA ARG A 171 10.25 10.17 -5.43
C ARG A 171 9.90 11.65 -5.31
N TYR A 172 8.83 12.06 -5.99
CA TYR A 172 8.47 13.49 -5.88
C TYR A 172 7.93 13.84 -4.48
N LEU A 173 7.19 12.92 -3.83
CA LEU A 173 6.77 13.15 -2.47
C LEU A 173 7.97 13.25 -1.57
N ALA A 174 8.96 12.37 -1.77
CA ALA A 174 10.12 12.40 -0.90
C ALA A 174 10.80 13.76 -0.92
N VAL A 175 10.87 14.36 -2.11
CA VAL A 175 11.51 15.69 -2.22
C VAL A 175 10.62 16.77 -1.56
N SER A 176 9.32 16.72 -1.84
CA SER A 176 8.39 17.71 -1.28
C SER A 176 8.36 17.75 0.24
N LEU A 177 8.34 16.56 0.84
CA LEU A 177 8.16 16.41 2.25
C LEU A 177 9.47 16.25 3.02
N GLY A 178 10.58 16.09 2.31
CA GLY A 178 11.81 15.69 3.00
C GLY A 178 12.51 16.80 3.77
N ALA A 179 12.39 18.03 3.36
CA ALA A 179 13.09 19.08 4.17
C ALA A 179 12.50 19.18 5.56
N LYS A 180 11.20 18.90 5.68
CA LYS A 180 10.55 18.78 6.98
C LYS A 180 11.08 17.64 7.81
N GLY A 181 11.48 16.56 7.11
CA GLY A 181 12.03 15.38 7.76
C GLY A 181 11.21 14.13 7.45
N VAL A 182 10.12 14.27 6.65
CA VAL A 182 9.17 13.16 6.40
C VAL A 182 9.75 12.26 5.34
N ARG A 183 9.66 10.94 5.53
CA ARG A 183 10.19 9.94 4.55
C ARG A 183 9.05 9.32 3.80
N VAL A 184 9.33 8.93 2.56
CA VAL A 184 8.32 8.35 1.67
C VAL A 184 8.96 7.19 0.89
N ASN A 185 8.34 6.03 0.98
CA ASN A 185 8.90 4.82 0.36
C ASN A 185 7.82 3.92 -0.13
N ALA A 186 8.19 2.97 -0.99
CA ALA A 186 7.25 1.90 -1.36
C ALA A 186 7.91 0.56 -1.10
N ILE A 187 7.03 -0.43 -0.86
CA ILE A 187 7.43 -1.84 -0.98
C ILE A 187 6.81 -2.40 -2.27
N SER A 188 7.73 -2.92 -3.11
CA SER A 188 7.29 -3.68 -4.31
C SER A 188 7.16 -5.12 -3.84
N ALA A 189 5.96 -5.51 -3.52
CA ALA A 189 5.70 -6.84 -2.94
C ALA A 189 5.56 -7.91 -4.03
N GLY A 190 6.04 -9.12 -3.74
CA GLY A 190 5.75 -10.25 -4.63
C GLY A 190 4.28 -10.66 -4.51
N PRO A 191 3.84 -11.60 -5.36
CA PRO A 191 2.43 -12.02 -5.39
C PRO A 191 2.07 -12.70 -4.09
N ILE A 192 0.90 -12.32 -3.60
CA ILE A 192 0.33 -12.83 -2.38
C ILE A 192 -1.17 -13.01 -2.63
N LYS A 193 -1.71 -14.16 -2.18
CA LYS A 193 -3.12 -14.44 -2.44
C LYS A 193 -4.03 -13.63 -1.51
N THR A 194 -4.40 -12.47 -1.98
CA THR A 194 -5.35 -11.59 -1.30
C THR A 194 -6.64 -11.54 -2.05
N LEU A 195 -7.64 -10.82 -1.52
CA LEU A 195 -8.89 -10.65 -2.25
C LEU A 195 -8.65 -10.02 -3.61
N ALA A 196 -7.75 -9.02 -3.69
CA ALA A 196 -7.57 -8.32 -4.95
C ALA A 196 -6.95 -9.34 -5.94
N ALA A 197 -6.08 -10.20 -5.45
CA ALA A 197 -5.36 -11.12 -6.34
C ALA A 197 -6.33 -12.15 -6.85
N SER A 198 -7.43 -12.34 -6.13
CA SER A 198 -8.31 -13.46 -6.36
C SER A 198 -9.10 -13.34 -7.63
N GLY A 199 -9.30 -12.12 -8.12
CA GLY A 199 -9.97 -11.90 -9.40
C GLY A 199 -9.12 -12.08 -10.67
N ILE A 200 -7.84 -12.37 -10.50
CA ILE A 200 -6.89 -12.52 -11.61
C ILE A 200 -6.75 -13.98 -12.02
N LYS A 201 -7.30 -14.37 -13.18
CA LYS A 201 -7.32 -15.79 -13.57
C LYS A 201 -5.93 -16.41 -13.59
N SER A 202 -4.93 -15.64 -13.99
CA SER A 202 -3.61 -16.21 -14.15
C SER A 202 -2.79 -16.20 -12.86
N PHE A 203 -3.40 -15.78 -11.74
CA PHE A 203 -2.64 -15.61 -10.49
C PHE A 203 -1.99 -16.89 -9.97
N GLY A 204 -2.68 -18.03 -10.02
CA GLY A 204 -2.08 -19.29 -9.64
C GLY A 204 -0.77 -19.60 -10.38
N LYS A 205 -0.79 -19.35 -11.69
CA LYS A 205 0.40 -19.53 -12.53
C LYS A 205 1.54 -18.60 -12.11
N ILE A 206 1.26 -17.34 -11.80
CA ILE A 206 2.30 -16.39 -11.33
C ILE A 206 2.91 -16.90 -10.01
N LEU A 207 2.04 -17.32 -9.09
CA LEU A 207 2.51 -17.84 -7.81
C LEU A 207 3.42 -19.07 -8.00
N ASP A 208 3.02 -20.00 -8.86
CA ASP A 208 3.87 -21.16 -9.16
C ASP A 208 5.20 -20.72 -9.74
N PHE A 209 5.15 -19.73 -10.65
CA PHE A 209 6.35 -19.34 -11.36
C PHE A 209 7.33 -18.68 -10.37
N VAL A 210 6.82 -17.83 -9.49
CA VAL A 210 7.70 -17.17 -8.52
C VAL A 210 8.27 -18.20 -7.53
N GLU A 211 7.45 -19.15 -7.08
CA GLU A 211 7.96 -20.21 -6.21
C GLU A 211 9.11 -20.99 -6.86
N SER A 212 8.98 -21.28 -8.15
CA SER A 212 10.01 -22.08 -8.83
C SER A 212 11.26 -21.31 -9.20
N ASN A 213 11.13 -19.99 -9.43
CA ASN A 213 12.23 -19.23 -10.01
C ASN A 213 12.84 -18.12 -9.16
N SER A 214 12.18 -17.75 -8.11
CA SER A 214 12.80 -16.74 -7.24
C SER A 214 14.07 -17.31 -6.57
N PRO A 215 14.99 -16.45 -6.20
CA PRO A 215 16.20 -16.94 -5.52
C PRO A 215 15.87 -17.79 -4.28
N LEU A 216 14.90 -17.36 -3.46
CA LEU A 216 14.60 -18.11 -2.25
C LEU A 216 13.65 -19.28 -2.50
N LYS A 217 13.22 -19.46 -3.74
CA LYS A 217 12.41 -20.61 -4.16
C LYS A 217 11.16 -20.72 -3.27
N ARG A 218 10.55 -19.56 -2.98
CA ARG A 218 9.37 -19.54 -2.14
C ARG A 218 8.67 -18.21 -2.35
N ASN A 219 7.35 -18.24 -2.20
CA ASN A 219 6.60 -16.99 -2.24
C ASN A 219 6.67 -16.21 -0.93
N VAL A 220 6.45 -14.91 -1.00
CA VAL A 220 6.44 -14.08 0.21
C VAL A 220 5.10 -14.12 0.97
N THR A 221 5.12 -13.67 2.22
CA THR A 221 3.94 -13.62 3.05
C THR A 221 3.65 -12.21 3.47
N ILE A 222 2.42 -11.98 3.95
CA ILE A 222 2.09 -10.68 4.52
C ILE A 222 2.87 -10.42 5.80
N GLU A 223 3.36 -11.46 6.46
CA GLU A 223 4.27 -11.25 7.61
C GLU A 223 5.60 -10.67 7.16
N GLN A 224 6.14 -11.21 6.06
CA GLN A 224 7.39 -10.64 5.53
C GLN A 224 7.21 -9.24 5.00
N VAL A 225 6.14 -8.99 4.27
CA VAL A 225 5.88 -7.61 3.77
C VAL A 225 5.59 -6.70 4.96
N GLY A 226 4.88 -7.24 5.97
CA GLY A 226 4.55 -6.46 7.16
C GLY A 226 5.77 -6.03 7.95
N ASN A 227 6.71 -6.96 8.17
CA ASN A 227 7.93 -6.63 8.87
C ASN A 227 8.78 -5.60 8.11
N ALA A 228 8.87 -5.74 6.78
CA ALA A 228 9.60 -4.72 6.02
C ALA A 228 8.89 -3.37 6.09
N GLY A 229 7.57 -3.41 6.12
CA GLY A 229 6.77 -2.18 6.24
C GLY A 229 7.01 -1.48 7.58
N ALA A 230 6.96 -2.28 8.65
CA ALA A 230 7.19 -1.71 9.94
C ALA A 230 8.57 -1.10 10.04
N PHE A 231 9.58 -1.79 9.49
CA PHE A 231 10.91 -1.20 9.45
C PHE A 231 10.90 0.18 8.78
N LEU A 232 10.34 0.27 7.54
CA LEU A 232 10.34 1.54 6.83
C LEU A 232 9.58 2.65 7.55
N LEU A 233 8.53 2.29 8.27
CA LEU A 233 7.73 3.27 9.05
C LEU A 233 8.44 3.76 10.33
N SER A 234 9.49 3.06 10.68
CA SER A 234 10.22 3.30 11.94
C SER A 234 11.46 4.17 11.81
N ASP A 235 11.97 4.63 12.96
CA ASP A 235 13.19 5.41 12.97
C ASP A 235 14.45 4.56 12.67
N LEU A 236 14.33 3.24 12.63
CA LEU A 236 15.42 2.37 12.14
C LEU A 236 15.77 2.73 10.71
N ALA A 237 14.76 3.17 10.00
CA ALA A 237 14.92 3.48 8.57
C ALA A 237 15.06 4.97 8.33
N SER A 238 15.55 5.75 9.28
CA SER A 238 15.60 7.18 9.10
C SER A 238 16.57 7.65 7.99
N GLY A 239 17.46 6.76 7.49
CA GLY A 239 18.31 7.12 6.37
C GLY A 239 17.68 6.82 5.01
N VAL A 240 16.48 6.23 5.03
CA VAL A 240 15.86 5.67 3.80
C VAL A 240 14.60 6.45 3.38
N THR A 241 14.67 7.02 2.19
CA THR A 241 13.51 7.68 1.64
C THR A 241 13.65 7.58 0.11
N ALA A 242 12.53 7.78 -0.57
CA ALA A 242 12.44 7.72 -2.03
C ALA A 242 12.83 6.35 -2.57
N GLU A 243 12.69 5.33 -1.74
CA GLU A 243 13.10 3.97 -2.08
C GLU A 243 11.93 3.10 -2.45
N VAL A 244 12.11 2.23 -3.45
CA VAL A 244 11.16 1.18 -3.72
C VAL A 244 11.86 -0.12 -3.37
N MET A 245 11.49 -0.69 -2.21
CA MET A 245 12.12 -1.88 -1.68
C MET A 245 11.43 -3.11 -2.15
N HIS A 246 12.16 -4.01 -2.83
CA HIS A 246 11.51 -5.24 -3.19
C HIS A 246 11.44 -6.21 -2.03
N VAL A 247 10.22 -6.72 -1.82
CA VAL A 247 9.99 -7.81 -0.80
C VAL A 247 9.27 -8.92 -1.56
N ASP A 248 10.07 -9.73 -2.26
CA ASP A 248 9.56 -10.61 -3.28
C ASP A 248 10.45 -11.83 -3.46
N SER A 249 11.15 -12.24 -2.39
CA SER A 249 12.02 -13.41 -2.43
C SER A 249 13.13 -13.28 -3.46
N GLY A 250 13.38 -12.03 -3.88
CA GLY A 250 14.41 -11.77 -4.87
C GLY A 250 13.97 -11.92 -6.33
N PHE A 251 12.69 -12.17 -6.58
CA PHE A 251 12.24 -12.51 -7.93
C PHE A 251 12.59 -11.42 -8.93
N ASN A 252 12.45 -10.16 -8.55
CA ASN A 252 12.73 -9.06 -9.48
C ASN A 252 14.12 -9.10 -10.12
N ALA A 253 15.05 -9.73 -9.41
CA ALA A 253 16.46 -9.69 -9.80
C ALA A 253 16.98 -10.80 -10.64
N VAL A 254 16.08 -11.69 -11.09
CA VAL A 254 16.50 -12.79 -11.97
C VAL A 254 15.79 -12.72 -13.31
N VAL A 255 16.31 -13.52 -14.26
CA VAL A 255 15.51 -13.93 -15.42
C VAL A 255 15.16 -15.40 -15.20
N GLY A 256 13.88 -15.67 -14.97
CA GLY A 256 13.46 -16.99 -14.51
C GLY A 256 12.86 -17.87 -15.59
N GLY A 257 12.83 -19.18 -15.36
CA GLY A 257 11.99 -20.10 -16.12
C GLY A 257 12.60 -20.63 -17.40
N MET A 258 13.85 -20.31 -17.67
CA MET A 258 14.45 -20.80 -18.93
C MET A 258 15.07 -22.19 -18.80
#